data_2QGU
#
_entry.id   2QGU
#
_cell.length_a   42.495
_cell.length_b   46.478
_cell.length_c   117.508
_cell.angle_alpha   90.00
_cell.angle_beta   90.00
_cell.angle_gamma   90.00
#
_symmetry.space_group_name_H-M   'P 21 21 21'
#
loop_
_entity.id
_entity.type
_entity.pdbx_description
1 polymer 'Probable signal peptide protein'
2 non-polymer DI-PALMITOYL-3-SN-PHOSPHATIDYLETHANOLAMINE
3 water water
#
_entity_poly.entity_id   1
_entity_poly.type   'polypeptide(L)'
_entity_poly.pdbx_seq_one_letter_code
;(MSE)FKKLLHSLVAGLTFVAAVAAVPAHAQEADAQATVKTAVDDVLATIKGDPDLRGGNLQKVFQLVDQKIVPRADFKR
TTQIA(MSE)GRFWSQATPEQQQQIQDGFKSLLIRTYAGALANVRNQTVAYKPFRAAADDTDVVVRSTVNNNGEPVALDY
RVEKSPNGWKVYDINISGLWLSETYKNQFADVISKRGGVGGLVQFLDERNAQLAKGPAK
;
_entity_poly.pdbx_strand_id   A
#
loop_
_chem_comp.id
_chem_comp.type
_chem_comp.name
_chem_comp.formula
PEF non-polymer DI-PALMITOYL-3-SN-PHOSPHATIDYLETHANOLAMINE 'C37 H74 N O8 P'
#
# COMPACT_ATOMS: atom_id res chain seq x y z
N ALA A 29 11.63 8.39 -16.02
CA ALA A 29 10.21 7.93 -16.04
C ALA A 29 9.32 8.89 -15.25
N ASP A 30 8.14 9.19 -15.80
CA ASP A 30 7.19 10.06 -15.10
C ASP A 30 6.32 9.27 -14.13
N ALA A 31 5.32 9.90 -13.52
CA ALA A 31 4.52 9.24 -12.50
C ALA A 31 3.81 8.00 -13.03
N GLN A 32 3.15 8.15 -14.19
CA GLN A 32 2.37 7.05 -14.74
C GLN A 32 3.27 5.90 -15.20
N ALA A 33 4.43 6.24 -15.76
CA ALA A 33 5.40 5.22 -16.21
C ALA A 33 5.91 4.41 -15.03
N THR A 34 6.19 5.10 -13.92
CA THR A 34 6.67 4.47 -12.70
C THR A 34 5.65 3.47 -12.16
N VAL A 35 4.40 3.91 -12.07
CA VAL A 35 3.33 3.03 -11.60
C VAL A 35 3.16 1.83 -12.53
N LYS A 36 3.08 2.09 -13.84
CA LYS A 36 2.87 1.00 -14.81
C LYS A 36 3.97 -0.05 -14.72
N THR A 37 5.22 0.41 -14.68
CA THR A 37 6.37 -0.49 -14.60
C THR A 37 6.32 -1.36 -13.33
N ALA A 38 6.01 -0.72 -12.20
CA ALA A 38 5.93 -1.42 -10.91
C ALA A 38 4.80 -2.46 -10.88
N VAL A 39 3.62 -2.06 -11.34
CA VAL A 39 2.48 -2.98 -11.34
C VAL A 39 2.72 -4.16 -12.29
N ASP A 40 3.30 -3.89 -13.45
CA ASP A 40 3.65 -4.97 -14.39
C ASP A 40 4.65 -5.93 -13.77
N ASP A 41 5.60 -5.39 -13.02
CA ASP A 41 6.60 -6.19 -12.34
C ASP A 41 5.95 -7.11 -11.32
N VAL A 42 5.05 -6.55 -10.51
CA VAL A 42 4.28 -7.34 -9.54
C VAL A 42 3.53 -8.47 -10.24
N LEU A 43 2.76 -8.14 -11.28
CA LEU A 43 1.94 -9.12 -11.97
C LEU A 43 2.78 -10.23 -12.61
N ALA A 44 3.85 -9.84 -13.30
CA ALA A 44 4.73 -10.81 -13.97
C ALA A 44 5.40 -11.75 -12.97
N THR A 45 5.84 -11.18 -11.84
CA THR A 45 6.49 -11.98 -10.80
C THR A 45 5.54 -13.04 -10.23
N ILE A 46 4.31 -12.64 -9.90
CA ILE A 46 3.31 -13.58 -9.41
C ILE A 46 3.04 -14.69 -10.43
N LYS A 47 2.84 -14.30 -11.69
CA LYS A 47 2.50 -15.27 -12.73
C LYS A 47 3.62 -16.29 -12.97
N GLY A 48 4.86 -15.89 -12.68
CA GLY A 48 6.02 -16.77 -12.85
C GLY A 48 6.40 -17.64 -11.64
N ASP A 49 5.68 -17.47 -10.54
CA ASP A 49 6.02 -18.17 -9.29
C ASP A 49 4.83 -18.98 -8.75
N PRO A 50 4.80 -20.29 -9.04
CA PRO A 50 3.72 -21.15 -8.51
C PRO A 50 3.66 -21.22 -6.98
N ASP A 51 4.79 -21.03 -6.31
CA ASP A 51 4.83 -21.07 -4.85
C ASP A 51 4.10 -19.88 -4.24
N LEU A 52 4.29 -18.70 -4.84
CA LEU A 52 3.54 -17.53 -4.44
C LEU A 52 2.05 -17.72 -4.73
N ARG A 53 1.72 -18.18 -5.92
CA ARG A 53 0.33 -18.45 -6.27
C ARG A 53 -0.30 -19.53 -5.38
N GLY A 54 0.56 -20.42 -4.86
CA GLY A 54 0.11 -21.45 -3.92
C GLY A 54 -0.14 -20.94 -2.50
N GLY A 55 0.17 -19.68 -2.25
CA GLY A 55 -0.14 -19.03 -0.97
C GLY A 55 0.99 -18.96 0.05
N ASN A 56 2.24 -19.03 -0.44
CA ASN A 56 3.42 -18.88 0.42
C ASN A 56 3.51 -17.43 0.90
N LEU A 57 3.20 -17.20 2.17
CA LEU A 57 3.15 -15.84 2.72
C LEU A 57 4.51 -15.17 2.75
N GLN A 58 5.54 -15.92 3.12
CA GLN A 58 6.89 -15.37 3.15
C GLN A 58 7.26 -14.79 1.80
N LYS A 59 6.93 -15.52 0.73
CA LYS A 59 7.20 -15.05 -0.62
C LYS A 59 6.39 -13.82 -1.03
N VAL A 60 5.18 -13.67 -0.47
CA VAL A 60 4.39 -12.46 -0.71
C VAL A 60 5.06 -11.25 -0.06
N PHE A 61 5.54 -11.42 1.17
CA PHE A 61 6.30 -10.36 1.82
C PHE A 61 7.53 -9.97 1.00
N GLN A 62 8.25 -10.98 0.49
CA GLN A 62 9.43 -10.73 -0.32
C GLN A 62 9.09 -10.04 -1.64
N LEU A 63 7.96 -10.42 -2.25
CA LEU A 63 7.43 -9.74 -3.44
C LEU A 63 7.21 -8.26 -3.19
N VAL A 64 6.57 -7.95 -2.07
CA VAL A 64 6.29 -6.56 -1.71
C VAL A 64 7.60 -5.79 -1.47
N ASP A 65 8.51 -6.38 -0.72
CA ASP A 65 9.79 -5.74 -0.43
C ASP A 65 10.62 -5.48 -1.69
N GLN A 66 10.60 -6.41 -2.63
CA GLN A 66 11.45 -6.30 -3.81
C GLN A 66 10.82 -5.53 -4.95
N LYS A 67 9.50 -5.66 -5.11
CA LYS A 67 8.82 -5.14 -6.30
C LYS A 67 7.95 -3.92 -6.04
N ILE A 68 7.60 -3.67 -4.77
CA ILE A 68 6.74 -2.51 -4.45
C ILE A 68 7.48 -1.44 -3.63
N VAL A 69 8.10 -1.85 -2.54
CA VAL A 69 8.80 -0.94 -1.62
C VAL A 69 9.76 0.06 -2.30
N PRO A 70 10.62 -0.42 -3.24
CA PRO A 70 11.52 0.53 -3.90
C PRO A 70 10.82 1.63 -4.71
N ARG A 71 9.53 1.43 -5.01
CA ARG A 71 8.75 2.40 -5.79
C ARG A 71 7.69 3.09 -4.95
N ALA A 72 7.79 2.93 -3.63
CA ALA A 72 6.78 3.45 -2.72
C ALA A 72 7.40 4.29 -1.61
N ASP A 73 6.58 5.10 -0.96
CA ASP A 73 6.99 5.84 0.22
C ASP A 73 6.00 5.52 1.34
N PHE A 74 6.19 4.35 1.93
CA PHE A 74 5.26 3.87 2.95
C PHE A 74 5.39 4.63 4.27
N LYS A 75 6.54 5.28 4.49
CA LYS A 75 6.68 6.16 5.64
C LYS A 75 5.66 7.29 5.54
N ARG A 76 5.51 7.87 4.33
CA ARG A 76 4.49 8.90 4.13
C ARG A 76 3.08 8.35 4.36
N THR A 77 2.79 7.16 3.84
CA THR A 77 1.49 6.53 4.07
C THR A 77 1.20 6.44 5.58
N THR A 78 2.22 6.03 6.33
CA THR A 78 2.08 5.88 7.78
C THR A 78 1.91 7.23 8.46
N GLN A 79 2.68 8.22 8.03
CA GLN A 79 2.54 9.58 8.54
C GLN A 79 1.12 10.11 8.33
N ILE A 80 0.57 9.90 7.14
CA ILE A 80 -0.78 10.37 6.86
C ILE A 80 -1.77 9.65 7.78
N ALA A 81 -1.63 8.33 7.91
CA ALA A 81 -2.52 7.54 8.75
C ALA A 81 -2.48 7.94 10.22
N MSE A 82 -1.32 8.41 10.68
N MSE A 82 -1.32 8.41 10.67
CA MSE A 82 -1.18 8.79 12.09
CA MSE A 82 -1.14 8.80 12.06
C MSE A 82 -1.64 10.22 12.35
C MSE A 82 -1.59 10.23 12.35
O MSE A 82 -1.92 10.58 13.50
O MSE A 82 -1.84 10.58 13.51
CB MSE A 82 0.25 8.58 12.58
CB MSE A 82 0.33 8.60 12.48
CG MSE A 82 0.64 7.12 12.72
CG MSE A 82 0.72 7.15 12.63
SE MSE A 82 2.17 6.92 13.90
SE MSE A 82 -0.30 6.29 14.05
CE MSE A 82 1.36 7.48 15.58
CE MSE A 82 0.52 7.19 15.58
N GLY A 83 -1.71 11.03 11.30
CA GLY A 83 -2.17 12.43 11.44
C GLY A 83 -1.36 13.23 12.44
N ARG A 84 -2.07 13.98 13.30
CA ARG A 84 -1.39 14.81 14.30
C ARG A 84 -0.64 13.99 15.36
N PHE A 85 -0.86 12.68 15.38
CA PHE A 85 -0.24 11.80 16.38
C PHE A 85 1.14 11.29 15.96
N TRP A 86 1.50 11.49 14.70
CA TRP A 86 2.81 11.08 14.20
C TRP A 86 3.93 11.68 15.04
N SER A 87 3.84 12.99 15.27
CA SER A 87 4.84 13.70 16.08
C SER A 87 4.84 13.28 17.55
N GLN A 88 3.70 12.76 18.03
CA GLN A 88 3.56 12.24 19.40
C GLN A 88 4.29 10.92 19.65
N ALA A 89 4.51 10.16 18.57
CA ALA A 89 5.18 8.87 18.69
C ALA A 89 6.69 9.05 18.77
N THR A 90 7.33 8.24 19.61
CA THR A 90 8.79 8.16 19.66
C THR A 90 9.32 7.66 18.31
N PRO A 91 10.61 7.90 18.00
CA PRO A 91 11.14 7.37 16.74
C PRO A 91 10.95 5.85 16.65
N GLU A 92 11.11 5.18 17.78
CA GLU A 92 10.96 3.73 17.88
C GLU A 92 9.52 3.31 17.61
N GLN A 93 8.56 4.02 18.22
CA GLN A 93 7.14 3.79 17.93
C GLN A 93 6.81 4.02 16.46
N GLN A 94 7.40 5.06 15.88
CA GLN A 94 7.18 5.36 14.46
C GLN A 94 7.61 4.19 13.57
N GLN A 95 8.75 3.59 13.87
CA GLN A 95 9.22 2.43 13.13
C GLN A 95 8.33 1.21 13.35
N GLN A 96 7.96 0.96 14.62
CA GLN A 96 7.10 -0.18 14.94
C GLN A 96 5.74 -0.08 14.26
N ILE A 97 5.17 1.13 14.25
CA ILE A 97 3.89 1.37 13.61
C ILE A 97 3.96 1.20 12.08
N GLN A 98 5.00 1.76 11.45
N GLN A 98 5.00 1.77 11.46
CA GLN A 98 5.19 1.53 10.02
CA GLN A 98 5.26 1.55 10.03
C GLN A 98 5.30 0.04 9.70
C GLN A 98 5.32 0.06 9.70
N ASP A 99 6.10 -0.69 10.47
CA ASP A 99 6.30 -2.11 10.25
C ASP A 99 5.01 -2.91 10.46
N GLY A 100 4.28 -2.58 11.52
CA GLY A 100 3.04 -3.28 11.85
C GLY A 100 1.94 -2.98 10.84
N PHE A 101 1.85 -1.73 10.40
CA PHE A 101 0.89 -1.29 9.39
C PHE A 101 1.20 -1.97 8.03
N LYS A 102 2.49 -1.99 7.65
CA LYS A 102 2.91 -2.69 6.44
C LYS A 102 2.54 -4.17 6.49
N SER A 103 2.86 -4.83 7.59
CA SER A 103 2.49 -6.24 7.76
C SER A 103 0.98 -6.45 7.67
N LEU A 104 0.22 -5.55 8.30
N LEU A 104 0.21 -5.57 8.30
CA LEU A 104 -1.25 -5.60 8.29
CA LEU A 104 -1.25 -5.66 8.26
C LEU A 104 -1.80 -5.57 6.86
C LEU A 104 -1.73 -5.64 6.81
N LEU A 105 -1.28 -4.64 6.05
CA LEU A 105 -1.70 -4.52 4.66
C LEU A 105 -1.29 -5.71 3.79
N ILE A 106 -0.05 -6.17 3.95
CA ILE A 106 0.42 -7.31 3.16
C ILE A 106 -0.45 -8.54 3.48
N ARG A 107 -0.68 -8.80 4.76
CA ARG A 107 -1.50 -9.93 5.18
C ARG A 107 -2.96 -9.82 4.70
N THR A 108 -3.47 -8.59 4.66
CA THR A 108 -4.83 -8.33 4.18
C THR A 108 -4.97 -8.66 2.69
N TYR A 109 -3.96 -8.30 1.89
CA TYR A 109 -4.06 -8.43 0.45
C TYR A 109 -3.31 -9.62 -0.13
N ALA A 110 -2.72 -10.43 0.75
CA ALA A 110 -1.93 -11.58 0.31
C ALA A 110 -2.75 -12.55 -0.53
N GLY A 111 -4.00 -12.78 -0.15
CA GLY A 111 -4.88 -13.65 -0.91
C GLY A 111 -5.14 -13.15 -2.32
N ALA A 112 -5.45 -11.87 -2.44
CA ALA A 112 -5.71 -11.26 -3.74
C ALA A 112 -4.50 -11.35 -4.65
N LEU A 113 -3.31 -11.12 -4.09
CA LEU A 113 -2.08 -11.21 -4.88
C LEU A 113 -1.81 -12.65 -5.34
N ALA A 114 -1.93 -13.60 -4.42
CA ALA A 114 -1.68 -15.01 -4.74
C ALA A 114 -2.64 -15.57 -5.78
N ASN A 115 -3.84 -15.00 -5.84
CA ASN A 115 -4.89 -15.48 -6.74
C ASN A 115 -4.78 -14.92 -8.16
N VAL A 116 -3.81 -14.04 -8.39
CA VAL A 116 -3.55 -13.51 -9.73
C VAL A 116 -3.23 -14.65 -10.72
N ARG A 117 -3.86 -14.59 -11.90
CA ARG A 117 -3.58 -15.55 -12.96
C ARG A 117 -3.42 -14.85 -14.30
N ASN A 118 -4.49 -14.19 -14.75
CA ASN A 118 -4.52 -13.61 -16.09
C ASN A 118 -4.76 -12.10 -16.14
N GLN A 119 -4.75 -11.47 -14.97
CA GLN A 119 -5.07 -10.04 -14.88
C GLN A 119 -4.17 -9.18 -15.73
N THR A 120 -4.80 -8.23 -16.43
CA THR A 120 -4.09 -7.20 -17.17
C THR A 120 -4.61 -5.85 -16.67
N VAL A 121 -3.86 -4.78 -16.96
N VAL A 121 -3.85 -4.80 -16.95
CA VAL A 121 -4.23 -3.45 -16.46
CA VAL A 121 -4.19 -3.45 -16.50
C VAL A 121 -4.16 -2.41 -17.58
C VAL A 121 -4.23 -2.48 -17.66
N ALA A 122 -5.19 -1.57 -17.63
CA ALA A 122 -5.27 -0.47 -18.57
C ALA A 122 -5.22 0.82 -17.76
N TYR A 123 -4.47 1.79 -18.26
CA TYR A 123 -4.35 3.09 -17.60
C TYR A 123 -5.26 4.12 -18.24
N LYS A 124 -5.91 4.90 -17.38
CA LYS A 124 -6.72 6.02 -17.82
C LYS A 124 -5.77 7.19 -18.13
N PRO A 125 -6.28 8.22 -18.84
CA PRO A 125 -5.39 9.35 -19.15
C PRO A 125 -4.76 9.94 -17.89
N PHE A 126 -3.50 10.30 -18.00
CA PHE A 126 -2.83 11.06 -16.95
C PHE A 126 -3.21 12.52 -17.12
N ARG A 127 -3.80 13.09 -16.07
CA ARG A 127 -4.47 14.39 -16.18
C ARG A 127 -3.74 15.56 -15.53
N ALA A 128 -2.75 15.28 -14.68
CA ALA A 128 -1.97 16.35 -14.07
C ALA A 128 -0.96 16.94 -15.05
N ALA A 129 -0.35 18.06 -14.69
CA ALA A 129 0.70 18.64 -15.52
C ALA A 129 2.00 17.87 -15.37
N ALA A 130 2.84 17.90 -16.40
CA ALA A 130 4.13 17.22 -16.36
C ALA A 130 5.01 17.76 -15.25
N ASP A 131 4.82 19.04 -14.89
CA ASP A 131 5.58 19.70 -13.83
C ASP A 131 4.97 19.59 -12.43
N ASP A 132 3.78 18.98 -12.33
CA ASP A 132 3.20 18.70 -11.01
C ASP A 132 3.99 17.59 -10.29
N THR A 133 4.07 17.69 -8.97
CA THR A 133 4.90 16.77 -8.18
C THR A 133 4.11 15.86 -7.24
N ASP A 134 2.80 16.05 -7.17
CA ASP A 134 1.95 15.22 -6.34
C ASP A 134 0.66 14.98 -7.11
N VAL A 135 0.53 13.77 -7.65
CA VAL A 135 -0.44 13.50 -8.71
C VAL A 135 -1.19 12.19 -8.47
N VAL A 136 -2.22 11.94 -9.27
CA VAL A 136 -2.95 10.68 -9.22
C VAL A 136 -2.82 9.96 -10.56
N VAL A 137 -2.54 8.66 -10.49
CA VAL A 137 -2.54 7.78 -11.66
C VAL A 137 -3.72 6.83 -11.51
N ARG A 138 -4.57 6.77 -12.53
CA ARG A 138 -5.78 5.98 -12.47
C ARG A 138 -5.72 4.79 -13.41
N SER A 139 -6.23 3.64 -12.97
CA SER A 139 -6.14 2.41 -13.76
C SER A 139 -7.32 1.49 -13.50
N THR A 140 -7.48 0.52 -14.41
CA THR A 140 -8.51 -0.50 -14.30
C THR A 140 -7.86 -1.86 -14.55
N VAL A 141 -7.96 -2.74 -13.56
CA VAL A 141 -7.49 -4.12 -13.69
C VAL A 141 -8.65 -4.94 -14.26
N ASN A 142 -8.36 -5.75 -15.28
CA ASN A 142 -9.33 -6.75 -15.73
C ASN A 142 -9.22 -7.98 -14.85
N ASN A 143 -10.19 -8.14 -13.94
CA ASN A 143 -10.22 -9.26 -13.02
C ASN A 143 -11.23 -10.30 -13.48
N ASN A 144 -10.79 -11.19 -14.37
CA ASN A 144 -11.65 -12.24 -14.93
C ASN A 144 -12.95 -11.64 -15.48
N GLY A 145 -12.83 -10.50 -16.15
CA GLY A 145 -13.97 -9.84 -16.77
C GLY A 145 -14.60 -8.72 -15.96
N GLU A 146 -14.22 -8.62 -14.69
CA GLU A 146 -14.73 -7.58 -13.79
C GLU A 146 -13.75 -6.42 -13.73
N PRO A 147 -14.17 -5.21 -14.15
CA PRO A 147 -13.31 -4.04 -13.97
C PRO A 147 -13.05 -3.73 -12.50
N VAL A 148 -11.77 -3.63 -12.13
CA VAL A 148 -11.37 -3.30 -10.78
C VAL A 148 -10.53 -2.02 -10.81
N ALA A 149 -11.07 -0.94 -10.26
CA ALA A 149 -10.38 0.35 -10.26
C ALA A 149 -9.26 0.37 -9.23
N LEU A 150 -8.05 0.72 -9.68
CA LEU A 150 -6.96 0.98 -8.76
C LEU A 150 -6.34 2.32 -9.12
N ASP A 151 -6.41 3.26 -8.19
CA ASP A 151 -5.76 4.56 -8.40
C ASP A 151 -4.61 4.71 -7.40
N TYR A 152 -3.66 5.57 -7.74
CA TYR A 152 -2.45 5.73 -6.94
C TYR A 152 -2.14 7.19 -6.74
N ARG A 153 -1.73 7.56 -5.52
N ARG A 153 -1.72 7.55 -5.53
CA ARG A 153 -1.12 8.87 -5.30
CA ARG A 153 -1.14 8.87 -5.29
C ARG A 153 0.38 8.71 -5.43
C ARG A 153 0.38 8.75 -5.38
N VAL A 154 0.99 9.61 -6.19
CA VAL A 154 2.41 9.52 -6.50
C VAL A 154 3.07 10.87 -6.26
N GLU A 155 4.19 10.85 -5.56
CA GLU A 155 4.91 12.08 -5.25
C GLU A 155 6.34 12.01 -5.80
N LYS A 156 6.79 13.10 -6.42
CA LYS A 156 8.13 13.17 -6.97
C LYS A 156 9.10 13.63 -5.90
N SER A 157 9.92 12.69 -5.43
CA SER A 157 10.95 12.92 -4.43
C SER A 157 12.26 13.24 -5.13
N PRO A 158 13.26 13.76 -4.39
CA PRO A 158 14.61 13.89 -4.96
C PRO A 158 15.12 12.58 -5.58
N ASN A 159 14.71 11.44 -5.01
CA ASN A 159 15.11 10.14 -5.54
C ASN A 159 14.04 9.42 -6.38
N GLY A 160 13.20 10.21 -7.05
CA GLY A 160 12.26 9.67 -8.03
C GLY A 160 10.80 9.69 -7.59
N TRP A 161 9.93 9.25 -8.49
CA TRP A 161 8.51 9.11 -8.20
C TRP A 161 8.25 7.93 -7.28
N LYS A 162 7.47 8.19 -6.22
CA LYS A 162 7.09 7.14 -5.26
C LYS A 162 5.59 7.13 -5.02
N VAL A 163 5.00 5.94 -5.04
CA VAL A 163 3.59 5.75 -4.68
C VAL A 163 3.44 5.82 -3.15
N TYR A 164 2.53 6.66 -2.68
CA TYR A 164 2.28 6.75 -1.23
C TYR A 164 0.85 6.47 -0.81
N ASP A 165 -0.03 6.17 -1.76
CA ASP A 165 -1.40 5.78 -1.43
C ASP A 165 -1.99 5.01 -2.59
N ILE A 166 -2.97 4.17 -2.26
CA ILE A 166 -3.70 3.39 -3.25
C ILE A 166 -5.18 3.46 -2.95
N ASN A 167 -5.98 3.52 -4.01
CA ASN A 167 -7.42 3.61 -3.89
C ASN A 167 -8.04 2.30 -4.37
N ILE A 168 -8.73 1.62 -3.45
CA ILE A 168 -9.32 0.30 -3.69
C ILE A 168 -10.79 0.40 -3.32
N SER A 169 -11.65 -0.09 -4.21
CA SER A 169 -13.10 -0.02 -4.02
C SER A 169 -13.55 1.42 -3.71
N GLY A 170 -12.92 2.38 -4.38
CA GLY A 170 -13.27 3.79 -4.27
C GLY A 170 -12.70 4.53 -3.06
N LEU A 171 -11.97 3.81 -2.21
CA LEU A 171 -11.47 4.39 -0.95
C LEU A 171 -9.95 4.47 -0.92
N TRP A 172 -9.42 5.61 -0.48
CA TRP A 172 -7.98 5.77 -0.30
C TRP A 172 -7.56 5.12 1.00
N LEU A 173 -6.62 4.18 0.92
CA LEU A 173 -6.20 3.46 2.12
C LEU A 173 -5.65 4.38 3.23
N SER A 174 -4.89 5.40 2.86
CA SER A 174 -4.37 6.29 3.90
C SER A 174 -5.49 6.97 4.68
N GLU A 175 -6.61 7.24 4.00
CA GLU A 175 -7.77 7.87 4.64
C GLU A 175 -8.53 6.88 5.52
N THR A 176 -8.77 5.67 5.02
CA THR A 176 -9.41 4.64 5.82
C THR A 176 -8.65 4.41 7.11
N TYR A 177 -7.33 4.26 6.99
CA TYR A 177 -6.52 3.98 8.17
C TYR A 177 -6.28 5.19 9.05
N LYS A 178 -6.29 6.39 8.47
CA LYS A 178 -6.27 7.61 9.29
C LYS A 178 -7.46 7.60 10.25
N ASN A 179 -8.65 7.29 9.73
CA ASN A 179 -9.84 7.30 10.57
C ASN A 179 -9.82 6.16 11.57
N GLN A 180 -9.41 4.98 11.12
CA GLN A 180 -9.34 3.82 12.01
C GLN A 180 -8.34 4.06 13.13
N PHE A 181 -7.16 4.59 12.79
CA PHE A 181 -6.11 4.81 13.78
C PHE A 181 -6.48 5.91 14.77
N ALA A 182 -7.12 6.97 14.29
CA ALA A 182 -7.52 8.05 15.20
C ALA A 182 -8.52 7.53 16.24
N ASP A 183 -9.41 6.66 15.81
CA ASP A 183 -10.42 6.08 16.69
C ASP A 183 -9.77 5.23 17.78
N VAL A 184 -8.79 4.40 17.39
CA VAL A 184 -8.04 3.55 18.31
C VAL A 184 -7.26 4.40 19.31
N ILE A 185 -6.56 5.41 18.80
CA ILE A 185 -5.77 6.30 19.64
C ILE A 185 -6.66 7.02 20.66
N SER A 186 -7.87 7.40 20.23
CA SER A 186 -8.84 8.03 21.12
C SER A 186 -9.29 7.09 22.24
N LYS A 187 -9.76 5.89 21.84
CA LYS A 187 -10.32 4.93 22.78
C LYS A 187 -9.29 4.32 23.73
N ARG A 188 -8.05 4.21 23.27
CA ARG A 188 -6.99 3.57 24.04
C ARG A 188 -6.01 4.56 24.68
N GLY A 189 -6.24 5.85 24.47
CA GLY A 189 -5.54 6.90 25.21
C GLY A 189 -4.14 7.25 24.75
N GLY A 190 -3.82 6.91 23.50
CA GLY A 190 -2.55 7.34 22.93
C GLY A 190 -1.92 6.42 21.92
N VAL A 191 -0.67 6.75 21.55
CA VAL A 191 0.09 6.04 20.52
C VAL A 191 0.42 4.61 20.93
N GLY A 192 0.69 4.40 22.22
CA GLY A 192 0.89 3.06 22.74
C GLY A 192 -0.30 2.16 22.46
N GLY A 193 -1.50 2.73 22.55
CA GLY A 193 -2.74 2.02 22.22
C GLY A 193 -2.77 1.55 20.78
N LEU A 194 -2.26 2.39 19.87
CA LEU A 194 -2.20 2.02 18.47
C LEU A 194 -1.24 0.86 18.21
N VAL A 195 -0.07 0.90 18.86
CA VAL A 195 0.88 -0.21 18.75
C VAL A 195 0.23 -1.52 19.20
N GLN A 196 -0.46 -1.47 20.34
CA GLN A 196 -1.20 -2.63 20.86
C GLN A 196 -2.24 -3.12 19.85
N PHE A 197 -3.00 -2.20 19.28
CA PHE A 197 -4.03 -2.52 18.28
C PHE A 197 -3.42 -3.20 17.05
N LEU A 198 -2.31 -2.65 16.54
CA LEU A 198 -1.68 -3.26 15.37
C LEU A 198 -1.18 -4.66 15.67
N ASP A 199 -0.64 -4.87 16.87
CA ASP A 199 -0.25 -6.22 17.30
C ASP A 199 -1.44 -7.17 17.29
N GLU A 200 -2.57 -6.71 17.82
CA GLU A 200 -3.81 -7.51 17.81
C GLU A 200 -4.26 -7.87 16.40
N ARG A 201 -4.23 -6.89 15.50
CA ARG A 201 -4.69 -7.11 14.13
C ARG A 201 -3.80 -8.09 13.40
N ASN A 202 -2.49 -7.96 13.58
CA ASN A 202 -1.54 -8.88 12.95
C ASN A 202 -1.67 -10.28 13.50
N ALA A 203 -1.93 -10.41 14.80
CA ALA A 203 -2.19 -11.72 15.40
C ALA A 203 -3.45 -12.36 14.82
N GLN A 204 -4.51 -11.57 14.66
CA GLN A 204 -5.77 -12.05 14.10
C GLN A 204 -5.63 -12.50 12.64
N LEU A 205 -4.88 -11.72 11.85
CA LEU A 205 -4.63 -12.08 10.45
C LEU A 205 -3.74 -13.30 10.30
N ALA A 206 -2.82 -13.49 11.24
CA ALA A 206 -1.94 -14.66 11.22
C ALA A 206 -2.72 -15.96 11.44
N LYS A 207 -3.79 -15.89 12.24
CA LYS A 207 -4.65 -17.04 12.50
C LYS A 207 -5.42 -17.50 11.25
C2 PEF B . -9.44 -8.87 -5.96
C1 PEF B . -10.81 -9.55 -5.98
N PEF B . -13.80 -14.05 -3.51
C3 PEF B . -8.73 -9.13 -7.28
C4 PEF B . -12.69 -11.88 -3.75
C5 PEF B . -13.84 -12.64 -3.10
C10 PEF B . -9.29 -7.05 -4.51
C11 PEF B . -9.13 -5.56 -4.26
C12 PEF B . -7.89 -5.04 -4.96
C13 PEF B . -6.65 -5.56 -4.25
C14 PEF B . -5.38 -4.86 -4.72
C15 PEF B . -4.19 -5.35 -3.92
C16 PEF B . -2.98 -4.45 -4.14
C17 PEF B . -1.87 -4.76 -3.13
C18 PEF B . -2.05 -3.94 -1.85
C19 PEF B . -0.72 -3.40 -1.36
C20 PEF B . -0.01 -4.43 -0.48
C21 PEF B . 1.36 -3.91 -0.04
C22 PEF B . 1.23 -2.89 1.08
C23 PEF B . 2.59 -2.55 1.69
C24 PEF B . 3.17 -1.29 1.06
C25 PEF B . 4.70 -1.25 1.23
C30 PEF B . -6.86 -8.49 -8.50
C31 PEF B . -5.61 -7.95 -8.81
C32 PEF B . -4.80 -7.60 -7.74
C33 PEF B . -3.36 -7.30 -8.21
C34 PEF B . -3.05 -5.79 -8.28
C35 PEF B . -1.57 -5.48 -8.02
C36 PEF B . -1.37 -4.14 -7.71
C37 PEF B . -0.06 -3.85 -7.29
C38 PEF B . 0.07 -2.50 -6.99
C39 PEF B . 1.44 -2.15 -6.38
C40 PEF B . 1.47 -0.72 -5.81
C41 PEF B . 0.99 -0.68 -4.35
C42 PEF B . 1.50 0.56 -3.60
C43 PEF B . 0.67 0.84 -2.33
C44 PEF B . 1.25 2.02 -1.54
C45 PEF B . 0.43 2.29 -0.27
O4 PEF B . -9.12 -7.85 -3.58
O5 PEF B . -7.57 -8.79 -9.46
O2 PEF B . -9.62 -7.46 -5.77
O3 PEF B . -7.34 -8.69 -7.23
O1P PEF B . -12.33 -11.73 -7.57
O2P PEF B . -11.28 -13.36 -5.89
O3P PEF B . -10.63 -10.97 -5.85
O4P PEF B . -12.95 -11.67 -5.14
P PEF B . -11.80 -12.01 -6.22
#